data_3B0W
#
_entry.id   3B0W
#
_cell.length_a   98.716
_cell.length_b   98.716
_cell.length_c   129.176
_cell.angle_alpha   90.00
_cell.angle_beta   90.00
_cell.angle_gamma   120.00
#
_symmetry.space_group_name_H-M   'P 61'
#
loop_
_entity.id
_entity.type
_entity.pdbx_description
1 polymer 'Nuclear receptor ROR-gamma'
2 non-polymer DIGOXIN
3 water water
#
_entity_poly.entity_id   1
_entity_poly.type   'polypeptide(L)'
_entity_poly.pdbx_seq_one_letter_code
;ASLTEIEHLVQSVCKSYRETCQLRLEDLLRQRSNIFSREEVTGYQRKSMWEMWERCAHHLTEAIQYVVEFAKRLSGFMEL
CQNDQIVLLKAGAMEVVLVRMCRAYNADNRTVFFEGKYGGMELFRALGCSELISSIFDFSHSLSALHFSEDEIALYTALV
LINAHRPGLQEKRKVEQLQYNLELAFHHHLCKTHRQSILAKLPPKGKLRSLCSQHVERLQIFQHLHPIVVQAAFPPLYKE
LFS
;
_entity_poly.pdbx_strand_id   A,B
#
loop_
_chem_comp.id
_chem_comp.type
_chem_comp.name
_chem_comp.formula
DGX non-polymer DIGOXIN 'C41 H64 O14'
#
# COMPACT_ATOMS: atom_id res chain seq x y z
N ALA A 1 4.19 33.17 -9.29
CA ALA A 1 4.12 33.24 -7.81
C ALA A 1 4.96 34.40 -7.28
N SER A 2 4.60 34.90 -6.10
CA SER A 2 5.38 35.94 -5.42
C SER A 2 6.24 35.34 -4.30
N LEU A 3 7.08 36.17 -3.71
CA LEU A 3 7.99 35.76 -2.65
C LEU A 3 7.25 35.38 -1.35
N THR A 4 6.16 36.09 -1.06
CA THR A 4 5.29 35.75 0.08
C THR A 4 4.68 34.35 -0.11
N GLU A 5 4.31 34.03 -1.34
CA GLU A 5 3.77 32.72 -1.68
C GLU A 5 4.82 31.60 -1.59
N ILE A 6 6.07 31.93 -1.91
CA ILE A 6 7.17 30.99 -1.82
C ILE A 6 7.47 30.66 -0.35
N GLU A 7 7.41 31.66 0.50
CA GLU A 7 7.50 31.48 1.94
C GLU A 7 6.39 30.55 2.46
N HIS A 8 5.18 30.70 1.92
CA HIS A 8 4.08 29.82 2.26
C HIS A 8 4.38 28.42 1.76
N LEU A 9 4.97 28.31 0.58
CA LEU A 9 5.39 27.01 0.05
C LEU A 9 6.44 26.33 0.95
N VAL A 10 7.44 27.09 1.40
CA VAL A 10 8.47 26.58 2.32
C VAL A 10 7.86 26.00 3.59
N GLN A 11 7.07 26.81 4.28
CA GLN A 11 6.39 26.40 5.51
C GLN A 11 5.52 25.15 5.28
N SER A 12 4.83 25.11 4.15
CA SER A 12 3.97 23.99 3.79
C SER A 12 4.74 22.69 3.49
N VAL A 13 5.87 22.81 2.81
CA VAL A 13 6.69 21.63 2.50
C VAL A 13 7.27 21.11 3.82
N CYS A 14 7.68 22.04 4.67
CA CYS A 14 8.27 21.69 5.92
C CYS A 14 7.24 21.07 6.85
N LYS A 15 5.99 21.54 6.76
CA LYS A 15 4.90 20.99 7.53
C LYS A 15 4.61 19.55 7.11
N SER A 16 4.42 19.35 5.81
CA SER A 16 4.11 18.02 5.25
C SER A 16 5.19 17.01 5.57
N TYR A 17 6.43 17.44 5.56
CA TYR A 17 7.53 16.59 5.96
C TYR A 17 7.43 16.16 7.43
N ARG A 18 7.20 17.14 8.31
CA ARG A 18 7.07 16.88 9.73
C ARG A 18 5.93 15.91 10.03
N GLU A 19 4.83 16.02 9.30
CA GLU A 19 3.70 15.15 9.51
C GLU A 19 3.91 13.75 8.90
N THR A 20 4.97 13.55 8.12
CA THR A 20 5.16 12.29 7.40
C THR A 20 6.54 11.67 7.61
N CYS A 21 7.26 12.15 8.62
CA CYS A 21 8.70 11.82 8.72
C CYS A 21 8.93 10.52 9.43
N GLN A 22 7.84 9.85 9.81
CA GLN A 22 7.85 8.46 10.28
C GLN A 22 8.24 8.36 11.74
N LEU A 23 9.47 8.80 12.06
CA LEU A 23 9.92 8.95 13.45
C LEU A 23 10.42 10.38 13.69
N ARG A 24 10.19 10.85 14.91
CA ARG A 24 10.64 12.17 15.30
C ARG A 24 12.16 12.17 15.47
N LEU A 25 12.82 13.18 14.92
CA LEU A 25 14.28 13.32 15.03
C LEU A 25 14.72 13.22 16.49
N GLU A 26 13.90 13.79 17.37
CA GLU A 26 14.10 13.81 18.82
C GLU A 26 14.38 12.42 19.36
N ASP A 27 13.43 11.52 19.14
CA ASP A 27 13.52 10.10 19.52
C ASP A 27 14.72 9.39 18.89
N LEU A 28 14.99 9.64 17.61
CA LEU A 28 16.12 9.00 16.93
C LEU A 28 17.46 9.34 17.59
N LEU A 29 17.64 10.61 17.95
CA LEU A 29 18.89 11.07 18.57
C LEU A 29 19.04 10.50 19.96
N ARG A 30 17.93 10.46 20.71
CA ARG A 30 17.92 9.91 22.06
C ARG A 30 18.36 8.44 22.09
N GLN A 31 17.94 7.70 21.06
CA GLN A 31 18.17 6.26 21.02
C GLN A 31 19.57 5.88 20.56
N ARG A 32 20.34 6.86 20.11
CA ARG A 32 21.72 6.63 19.65
C ARG A 32 22.55 5.86 20.68
N SER A 33 22.20 6.03 21.96
CA SER A 33 22.85 5.32 23.05
C SER A 33 22.44 3.84 23.11
N ASN A 34 21.29 3.52 22.52
CA ASN A 34 20.72 2.17 22.57
C ASN A 34 21.16 1.30 21.37
N ILE A 35 22.16 0.45 21.59
CA ILE A 35 22.89 -0.25 20.55
C ILE A 35 22.73 -1.75 20.74
N PHE A 36 22.49 -2.48 19.64
CA PHE A 36 22.35 -3.93 19.69
C PHE A 36 23.60 -4.57 20.31
N SER A 37 23.42 -5.53 21.20
CA SER A 37 24.55 -6.28 21.77
C SER A 37 25.18 -7.21 20.71
N ARG A 38 26.32 -7.83 21.01
CA ARG A 38 26.94 -8.76 20.07
C ARG A 38 26.05 -9.97 19.84
N GLU A 39 25.32 -10.38 20.87
CA GLU A 39 24.41 -11.51 20.76
C GLU A 39 23.19 -11.18 19.91
N GLU A 40 22.72 -9.95 20.00
CA GLU A 40 21.62 -9.50 19.18
C GLU A 40 22.02 -9.47 17.71
N VAL A 41 23.22 -8.92 17.43
CA VAL A 41 23.78 -8.91 16.10
C VAL A 41 23.78 -10.33 15.51
N THR A 42 24.35 -11.28 16.28
CA THR A 42 24.43 -12.69 15.91
C THR A 42 23.05 -13.27 15.65
N GLY A 43 22.05 -12.87 16.45
CA GLY A 43 20.65 -13.25 16.20
C GLY A 43 20.15 -12.83 14.81
N TYR A 44 20.44 -11.58 14.41
CA TYR A 44 20.12 -11.14 13.05
C TYR A 44 20.91 -11.88 11.96
N GLN A 45 22.18 -12.14 12.21
CA GLN A 45 23.05 -12.83 11.24
C GLN A 45 22.65 -14.27 10.98
N ARG A 46 21.96 -14.87 11.94
CA ARG A 46 21.59 -16.27 11.83
C ARG A 46 20.33 -16.48 11.02
N LYS A 47 19.48 -15.46 10.95
CA LYS A 47 18.24 -15.56 10.19
C LYS A 47 18.55 -15.84 8.73
N SER A 48 17.68 -16.59 8.04
CA SER A 48 17.89 -16.77 6.62
C SER A 48 17.78 -15.45 5.87
N MET A 49 18.35 -15.43 4.68
CA MET A 49 18.14 -14.33 3.78
C MET A 49 16.64 -14.05 3.59
N TRP A 50 15.82 -15.12 3.60
CA TRP A 50 14.37 -15.02 3.41
C TRP A 50 13.65 -14.27 4.53
N GLU A 51 13.99 -14.57 5.78
CA GLU A 51 13.44 -13.82 6.90
C GLU A 51 13.93 -12.36 6.86
N MET A 52 15.24 -12.15 6.68
CA MET A 52 15.79 -10.81 6.63
C MET A 52 15.16 -10.01 5.49
N TRP A 53 15.02 -10.64 4.31
CA TRP A 53 14.37 -10.01 3.18
C TRP A 53 12.95 -9.57 3.54
N GLU A 54 12.21 -10.46 4.19
CA GLU A 54 10.82 -10.16 4.54
C GLU A 54 10.72 -8.94 5.45
N ARG A 55 11.50 -8.95 6.53
CA ARG A 55 11.55 -7.82 7.45
C ARG A 55 11.95 -6.53 6.74
N CYS A 56 13.06 -6.56 6.00
CA CYS A 56 13.59 -5.37 5.35
C CYS A 56 12.63 -4.82 4.32
N ALA A 57 12.02 -5.72 3.54
CA ALA A 57 11.00 -5.37 2.54
C ALA A 57 9.81 -4.70 3.20
N HIS A 58 9.43 -5.19 4.37
CA HIS A 58 8.39 -4.58 5.18
C HIS A 58 8.76 -3.13 5.60
N HIS A 59 9.96 -2.94 6.16
CA HIS A 59 10.36 -1.61 6.59
C HIS A 59 10.49 -0.67 5.40
N LEU A 60 10.96 -1.20 4.28
CA LEU A 60 11.11 -0.39 3.08
C LEU A 60 9.75 0.05 2.54
N THR A 61 8.80 -0.89 2.49
CA THR A 61 7.48 -0.61 1.93
C THR A 61 6.82 0.47 2.77
N GLU A 62 6.92 0.31 4.08
CA GLU A 62 6.43 1.26 5.06
C GLU A 62 7.00 2.66 4.81
N ALA A 63 8.31 2.75 4.59
CA ALA A 63 9.00 4.02 4.41
C ALA A 63 8.52 4.70 3.11
N ILE A 64 8.37 3.89 2.06
CA ILE A 64 7.85 4.35 0.79
C ILE A 64 6.45 4.94 0.96
N GLN A 65 5.59 4.24 1.70
CA GLN A 65 4.26 4.77 2.00
C GLN A 65 4.29 6.22 2.57
N TYR A 66 5.14 6.45 3.58
CA TYR A 66 5.35 7.78 4.13
C TYR A 66 5.80 8.80 3.06
N VAL A 67 6.67 8.36 2.14
CA VAL A 67 7.11 9.21 1.02
C VAL A 67 5.95 9.59 0.11
N VAL A 68 5.11 8.62 -0.22
CA VAL A 68 3.90 8.85 -1.02
C VAL A 68 2.96 9.85 -0.30
N GLU A 69 2.82 9.68 1.02
CA GLU A 69 1.99 10.62 1.80
C GLU A 69 2.56 12.04 1.76
N PHE A 70 3.88 12.16 1.90
CA PHE A 70 4.58 13.42 1.79
C PHE A 70 4.30 14.08 0.42
N ALA A 71 4.41 13.31 -0.66
CA ALA A 71 4.20 13.87 -1.99
C ALA A 71 2.76 14.33 -2.16
N LYS A 72 1.83 13.54 -1.64
CA LYS A 72 0.42 13.85 -1.77
C LYS A 72 0.04 15.19 -1.10
N ARG A 73 0.84 15.60 -0.12
CA ARG A 73 0.59 16.86 0.58
C ARG A 73 1.36 18.02 -0.04
N LEU A 74 2.18 17.77 -1.04
CA LEU A 74 2.91 18.85 -1.71
C LEU A 74 1.99 19.61 -2.65
N SER A 75 2.16 20.94 -2.67
CA SER A 75 1.30 21.85 -3.44
C SER A 75 1.33 21.52 -4.92
N GLY A 76 0.18 21.33 -5.50
CA GLY A 76 0.14 21.02 -6.92
C GLY A 76 0.40 19.57 -7.30
N PHE A 77 0.98 18.76 -6.40
CA PHE A 77 1.21 17.34 -6.72
C PHE A 77 -0.08 16.58 -7.01
N MET A 78 -1.13 16.84 -6.22
CA MET A 78 -2.45 16.25 -6.48
C MET A 78 -3.13 16.81 -7.72
N GLU A 79 -2.67 17.96 -8.20
CA GLU A 79 -3.24 18.58 -9.40
C GLU A 79 -2.66 17.99 -10.69
N LEU A 80 -1.52 17.30 -10.57
CA LEU A 80 -0.92 16.59 -11.69
C LEU A 80 -1.80 15.39 -12.08
N CYS A 81 -1.81 15.04 -13.35
CA CYS A 81 -2.56 13.86 -13.78
C CYS A 81 -1.97 12.62 -13.12
N GLN A 82 -2.82 11.61 -12.99
CA GLN A 82 -2.50 10.37 -12.33
C GLN A 82 -1.25 9.69 -12.91
N ASN A 83 -1.06 9.78 -14.23
CA ASN A 83 0.15 9.23 -14.86
C ASN A 83 1.44 9.86 -14.32
N ASP A 84 1.46 11.19 -14.23
CA ASP A 84 2.64 11.91 -13.79
C ASP A 84 2.90 11.73 -12.31
N GLN A 85 1.84 11.69 -11.51
CA GLN A 85 2.00 11.38 -10.08
C GLN A 85 2.72 10.07 -9.89
N ILE A 86 2.31 9.07 -10.67
CA ILE A 86 2.88 7.72 -10.63
C ILE A 86 4.31 7.73 -11.16
N VAL A 87 4.54 8.38 -12.29
CA VAL A 87 5.89 8.48 -12.87
C VAL A 87 6.87 9.08 -11.85
N LEU A 88 6.46 10.17 -11.21
CA LEU A 88 7.37 10.85 -10.31
C LEU A 88 7.71 10.03 -9.06
N LEU A 89 6.71 9.36 -8.49
CA LEU A 89 6.93 8.51 -7.31
C LEU A 89 7.73 7.24 -7.64
N LYS A 90 7.48 6.65 -8.80
CA LYS A 90 8.20 5.46 -9.23
C LYS A 90 9.70 5.76 -9.34
N ALA A 91 10.07 6.86 -9.99
CA ALA A 91 11.48 7.20 -10.19
C ALA A 91 12.14 7.80 -8.94
N GLY A 92 11.34 8.43 -8.06
CA GLY A 92 11.90 9.22 -6.98
C GLY A 92 11.68 8.74 -5.54
N ALA A 93 10.70 7.86 -5.30
CA ALA A 93 10.38 7.47 -3.92
C ALA A 93 11.54 6.81 -3.17
N MET A 94 12.25 5.90 -3.85
CA MET A 94 13.39 5.20 -3.23
C MET A 94 14.53 6.13 -2.92
N GLU A 95 14.82 7.02 -3.86
CA GLU A 95 15.74 8.12 -3.63
C GLU A 95 15.37 8.92 -2.36
N VAL A 96 14.09 9.24 -2.16
CA VAL A 96 13.69 9.96 -0.93
C VAL A 96 13.92 9.13 0.35
N VAL A 97 13.58 7.84 0.28
CA VAL A 97 13.84 6.91 1.39
C VAL A 97 15.31 6.97 1.79
N LEU A 98 16.21 6.88 0.82
CA LEU A 98 17.64 6.89 1.10
C LEU A 98 18.13 8.21 1.70
N VAL A 99 17.61 9.35 1.23
CA VAL A 99 17.93 10.64 1.88
C VAL A 99 17.41 10.72 3.32
N ARG A 100 16.17 10.27 3.57
CA ARG A 100 15.57 10.25 4.91
C ARG A 100 16.32 9.37 5.89
N MET A 101 16.89 8.27 5.41
CA MET A 101 17.69 7.38 6.26
C MET A 101 18.76 8.10 7.09
N CYS A 102 19.34 9.19 6.55
CA CYS A 102 20.48 9.83 7.20
C CYS A 102 20.16 10.38 8.59
N ARG A 103 18.90 10.75 8.83
CA ARG A 103 18.39 11.11 10.15
C ARG A 103 18.54 10.00 11.19
N ALA A 104 18.48 8.75 10.71
CA ALA A 104 18.47 7.56 11.58
C ALA A 104 19.84 6.89 11.66
N TYR A 105 20.83 7.57 11.10
CA TYR A 105 22.20 7.06 10.98
C TYR A 105 23.16 7.85 11.88
N ASN A 106 23.97 7.12 12.65
CA ASN A 106 24.93 7.74 13.57
C ASN A 106 26.33 7.56 13.02
N ALA A 107 26.91 8.64 12.52
CA ALA A 107 28.23 8.61 11.88
C ALA A 107 29.37 8.35 12.88
N ASP A 108 29.15 8.69 14.14
CA ASP A 108 30.16 8.48 15.17
C ASP A 108 30.61 7.02 15.21
N ASN A 109 29.65 6.10 15.01
CA ASN A 109 29.94 4.67 15.07
C ASN A 109 29.39 3.85 13.88
N ARG A 110 29.01 4.56 12.82
CA ARG A 110 28.52 3.95 11.58
C ARG A 110 27.40 2.92 11.85
N THR A 111 26.39 3.35 12.60
CA THR A 111 25.24 2.51 12.90
C THR A 111 23.95 3.17 12.43
N VAL A 112 22.91 2.35 12.28
CA VAL A 112 21.63 2.80 11.81
C VAL A 112 20.53 2.28 12.72
N PHE A 113 19.47 3.07 12.87
CA PHE A 113 18.32 2.66 13.66
C PHE A 113 17.57 1.59 12.90
N PHE A 114 17.40 0.44 13.55
CA PHE A 114 16.75 -0.70 12.94
C PHE A 114 15.98 -1.52 13.95
N GLU A 115 14.65 -1.48 13.87
CA GLU A 115 13.79 -2.28 14.72
C GLU A 115 14.08 -2.03 16.20
N GLY A 116 14.12 -0.75 16.58
CA GLY A 116 14.20 -0.38 17.99
C GLY A 116 15.58 -0.09 18.58
N LYS A 117 16.66 -0.48 17.90
CA LYS A 117 18.02 -0.17 18.38
C LYS A 117 18.95 0.19 17.21
N TYR A 118 20.14 0.70 17.54
CA TYR A 118 21.15 0.99 16.52
C TYR A 118 22.06 -0.20 16.21
N GLY A 119 22.40 -0.39 14.95
CA GLY A 119 23.25 -1.52 14.56
C GLY A 119 24.06 -1.20 13.32
N GLY A 120 25.21 -1.85 13.18
CA GLY A 120 26.10 -1.56 12.07
C GLY A 120 25.68 -2.37 10.87
N MET A 121 26.39 -2.20 9.77
CA MET A 121 26.07 -2.92 8.54
C MET A 121 26.11 -4.45 8.63
N GLU A 122 26.86 -4.99 9.60
CA GLU A 122 26.99 -6.43 9.75
C GLU A 122 25.68 -7.11 10.23
N LEU A 123 24.75 -6.32 10.74
CA LEU A 123 23.42 -6.80 11.11
C LEU A 123 22.70 -7.39 9.89
N PHE A 124 23.03 -6.89 8.70
CA PHE A 124 22.35 -7.30 7.45
C PHE A 124 23.05 -8.40 6.68
N ARG A 125 24.02 -9.05 7.31
CA ARG A 125 24.86 -10.06 6.66
C ARG A 125 24.11 -11.15 5.86
N ALA A 126 23.03 -11.69 6.41
CA ALA A 126 22.33 -12.83 5.77
C ALA A 126 21.79 -12.47 4.39
N LEU A 127 21.51 -11.19 4.17
CA LEU A 127 21.05 -10.74 2.85
C LEU A 127 22.05 -11.00 1.73
N GLY A 128 23.33 -11.13 2.08
CA GLY A 128 24.37 -11.41 1.09
C GLY A 128 24.50 -10.31 0.04
N CYS A 129 24.30 -9.06 0.44
CA CYS A 129 24.47 -7.91 -0.47
C CYS A 129 25.30 -6.83 0.23
N SER A 130 26.53 -7.18 0.59
CA SER A 130 27.32 -6.26 1.38
C SER A 130 27.77 -5.02 0.61
N GLU A 131 27.96 -5.14 -0.71
CA GLU A 131 28.27 -3.96 -1.54
C GLU A 131 27.13 -2.95 -1.43
N LEU A 132 25.91 -3.44 -1.59
CA LEU A 132 24.72 -2.59 -1.56
C LEU A 132 24.55 -1.93 -0.20
N ILE A 133 24.64 -2.70 0.88
CA ILE A 133 24.45 -2.13 2.21
C ILE A 133 25.60 -1.16 2.54
N SER A 134 26.83 -1.52 2.18
CA SER A 134 27.93 -0.59 2.41
C SER A 134 27.75 0.70 1.61
N SER A 135 27.26 0.61 0.37
CA SER A 135 27.06 1.85 -0.40
C SER A 135 25.92 2.69 0.20
N ILE A 136 24.93 2.03 0.79
CA ILE A 136 23.84 2.73 1.45
C ILE A 136 24.30 3.44 2.75
N PHE A 137 25.16 2.77 3.50
CA PHE A 137 25.77 3.31 4.70
C PHE A 137 26.73 4.46 4.37
N ASP A 138 27.55 4.28 3.34
CA ASP A 138 28.49 5.34 2.92
C ASP A 138 27.78 6.61 2.44
N PHE A 139 26.65 6.45 1.79
CA PHE A 139 25.86 7.61 1.34
C PHE A 139 25.26 8.38 2.53
N SER A 140 24.64 7.66 3.46
CA SER A 140 24.24 8.24 4.74
C SER A 140 25.40 8.91 5.47
N HIS A 141 26.59 8.31 5.42
CA HIS A 141 27.77 8.89 6.07
C HIS A 141 28.11 10.27 5.49
N SER A 142 28.20 10.36 4.17
CA SER A 142 28.48 11.63 3.50
C SER A 142 27.37 12.70 3.68
N LEU A 143 26.11 12.29 3.80
CA LEU A 143 25.01 13.23 4.05
C LEU A 143 24.99 13.75 5.49
N SER A 144 25.39 12.88 6.41
CA SER A 144 25.43 13.19 7.83
C SER A 144 26.49 14.25 8.13
N ALA A 145 27.53 14.29 7.31
CA ALA A 145 28.59 15.27 7.45
C ALA A 145 28.06 16.70 7.27
N LEU A 146 26.99 16.85 6.50
CA LEU A 146 26.40 18.17 6.25
C LEU A 146 25.43 18.67 7.34
N HIS A 147 25.12 17.80 8.32
CA HIS A 147 24.20 18.13 9.39
C HIS A 147 22.89 18.74 8.91
N PHE A 148 22.30 18.10 7.90
CA PHE A 148 21.02 18.48 7.35
C PHE A 148 19.99 18.77 8.43
N SER A 149 19.46 20.00 8.43
CA SER A 149 18.31 20.28 9.28
C SER A 149 17.09 19.52 8.72
N GLU A 150 16.06 19.38 9.54
CA GLU A 150 14.80 18.79 9.11
C GLU A 150 14.17 19.52 7.91
N ASP A 151 14.23 20.86 7.92
CA ASP A 151 13.67 21.66 6.83
C ASP A 151 14.48 21.56 5.52
N GLU A 152 15.81 21.47 5.61
CA GLU A 152 16.67 21.16 4.43
C GLU A 152 16.33 19.82 3.78
N ILE A 153 16.16 18.76 4.58
CA ILE A 153 15.67 17.47 4.06
C ILE A 153 14.29 17.55 3.38
N ALA A 154 13.36 18.22 4.04
CA ALA A 154 12.02 18.44 3.51
C ALA A 154 12.10 19.04 2.12
N LEU A 155 12.85 20.14 2.00
CA LEU A 155 12.92 20.88 0.72
C LEU A 155 13.73 20.14 -0.33
N TYR A 156 14.85 19.54 0.08
CA TYR A 156 15.68 18.77 -0.82
C TYR A 156 14.90 17.54 -1.38
N THR A 157 14.22 16.82 -0.51
CA THR A 157 13.41 15.67 -0.95
C THR A 157 12.17 16.04 -1.79
N ALA A 158 11.56 17.18 -1.52
CA ALA A 158 10.53 17.69 -2.41
C ALA A 158 11.10 17.82 -3.82
N LEU A 159 12.34 18.33 -3.93
CA LEU A 159 13.02 18.45 -5.25
C LEU A 159 13.50 17.14 -5.90
N VAL A 160 13.93 16.18 -5.10
CA VAL A 160 14.18 14.84 -5.61
C VAL A 160 12.91 14.35 -6.37
N LEU A 161 11.72 14.54 -5.77
CA LEU A 161 10.46 14.07 -6.36
C LEU A 161 9.96 14.89 -7.54
N ILE A 162 9.98 16.22 -7.41
CA ILE A 162 9.36 17.08 -8.39
C ILE A 162 10.43 17.44 -9.40
N ASN A 163 10.61 16.54 -10.36
CA ASN A 163 11.69 16.65 -11.31
C ASN A 163 11.13 16.38 -12.70
N ALA A 164 10.99 17.44 -13.48
CA ALA A 164 10.42 17.40 -14.83
C ALA A 164 11.23 16.65 -15.88
N HIS A 165 12.41 16.16 -15.53
CA HIS A 165 13.23 15.43 -16.49
C HIS A 165 12.99 13.93 -16.49
N ARG A 166 12.22 13.43 -15.50
CA ARG A 166 11.81 12.02 -15.52
C ARG A 166 11.17 11.69 -16.88
N PRO A 167 11.60 10.59 -17.52
CA PRO A 167 10.97 10.14 -18.77
C PRO A 167 9.54 9.64 -18.54
N GLY A 168 8.67 9.84 -19.53
CA GLY A 168 7.31 9.32 -19.47
C GLY A 168 6.27 10.31 -18.99
N LEU A 169 6.71 11.49 -18.56
CA LEU A 169 5.81 12.57 -18.13
C LEU A 169 4.97 13.11 -19.29
N GLN A 170 3.69 13.32 -19.02
CA GLN A 170 2.75 13.75 -20.06
C GLN A 170 2.41 15.24 -19.98
N GLU A 171 2.49 15.83 -18.79
CA GLU A 171 2.29 17.28 -18.62
C GLU A 171 3.56 17.91 -18.05
N LYS A 172 4.66 17.73 -18.80
CA LYS A 172 6.00 18.19 -18.42
C LYS A 172 6.04 19.66 -17.96
N ARG A 173 5.30 20.54 -18.65
CA ARG A 173 5.29 21.96 -18.31
C ARG A 173 4.74 22.27 -16.90
N LYS A 174 3.68 21.56 -16.51
CA LYS A 174 3.16 21.61 -15.13
C LYS A 174 4.16 21.21 -14.05
N VAL A 175 4.90 20.13 -14.28
CA VAL A 175 5.88 19.65 -13.30
C VAL A 175 7.01 20.67 -13.19
N GLU A 176 7.44 21.18 -14.35
CA GLU A 176 8.45 22.24 -14.41
C GLU A 176 8.06 23.43 -13.55
N GLN A 177 6.79 23.82 -13.58
CA GLN A 177 6.34 25.02 -12.89
C GLN A 177 6.39 24.78 -11.39
N LEU A 178 6.01 23.57 -10.98
CA LEU A 178 6.19 23.17 -9.60
C LEU A 178 7.68 23.09 -9.20
N GLN A 179 8.50 22.46 -10.03
CA GLN A 179 9.93 22.36 -9.77
C GLN A 179 10.61 23.72 -9.56
N TYR A 180 10.30 24.70 -10.41
CA TYR A 180 10.96 26.01 -10.37
C TYR A 180 10.62 26.76 -9.09
N ASN A 181 9.37 26.64 -8.67
CA ASN A 181 8.92 27.26 -7.44
C ASN A 181 9.60 26.61 -6.22
N LEU A 182 9.74 25.29 -6.26
CA LEU A 182 10.43 24.58 -5.15
C LEU A 182 11.93 24.87 -5.16
N GLU A 183 12.53 25.06 -6.35
CA GLU A 183 13.93 25.43 -6.44
C GLU A 183 14.17 26.80 -5.80
N LEU A 184 13.32 27.77 -6.13
CA LEU A 184 13.42 29.07 -5.51
C LEU A 184 13.10 29.05 -4.00
N ALA A 185 12.10 28.26 -3.61
CA ALA A 185 11.81 28.04 -2.19
C ALA A 185 13.06 27.53 -1.44
N PHE A 186 13.73 26.51 -1.98
CA PHE A 186 14.96 25.99 -1.39
C PHE A 186 16.08 27.08 -1.27
N HIS A 187 16.43 27.73 -2.39
CA HIS A 187 17.44 28.78 -2.44
C HIS A 187 17.12 29.88 -1.44
N HIS A 188 15.86 30.30 -1.43
CA HIS A 188 15.43 31.39 -0.59
C HIS A 188 15.50 31.02 0.88
N HIS A 189 15.09 29.80 1.23
CA HIS A 189 15.23 29.37 2.62
C HIS A 189 16.68 29.20 3.09
N LEU A 190 17.56 28.72 2.21
CA LEU A 190 18.98 28.66 2.56
C LEU A 190 19.58 30.02 2.80
N CYS A 191 19.13 31.01 2.02
CA CYS A 191 19.57 32.38 2.24
C CYS A 191 19.05 32.92 3.60
N LYS A 192 17.77 32.67 3.90
CA LYS A 192 17.16 33.02 5.20
C LYS A 192 17.89 32.40 6.40
N THR A 193 18.47 31.22 6.21
CA THR A 193 19.13 30.49 7.30
C THR A 193 20.69 30.49 7.23
N HIS A 194 21.26 31.26 6.28
CA HIS A 194 22.72 31.32 6.07
C HIS A 194 23.34 29.95 5.82
N ARG A 195 22.65 29.16 5.00
CA ARG A 195 23.04 27.79 4.74
C ARG A 195 23.28 27.59 3.22
N GLN A 196 23.56 28.69 2.53
CA GLN A 196 23.85 28.67 1.08
C GLN A 196 24.93 27.62 0.77
N SER A 197 25.91 27.46 1.65
CA SER A 197 27.04 26.53 1.48
C SER A 197 26.68 25.06 1.21
N ILE A 198 25.51 24.61 1.66
CA ILE A 198 25.15 23.20 1.42
C ILE A 198 24.87 22.86 -0.05
N LEU A 199 24.55 23.87 -0.84
CA LEU A 199 24.26 23.69 -2.27
C LEU A 199 25.41 22.98 -3.03
N ALA A 200 26.65 23.43 -2.80
CA ALA A 200 27.82 22.82 -3.43
C ALA A 200 28.16 21.45 -2.83
N LYS A 201 27.66 21.17 -1.63
CA LYS A 201 27.99 19.96 -0.90
C LYS A 201 26.98 18.83 -1.12
N LEU A 202 25.93 19.10 -1.91
CA LEU A 202 24.89 18.11 -2.18
C LEU A 202 25.37 16.97 -3.09
N PRO A 203 24.79 15.76 -2.93
CA PRO A 203 25.17 14.63 -3.80
C PRO A 203 25.13 15.03 -5.27
N PRO A 204 26.21 14.72 -6.02
CA PRO A 204 26.23 15.07 -7.45
C PRO A 204 25.04 14.43 -8.12
N LYS A 205 24.41 15.16 -9.06
CA LYS A 205 23.18 14.67 -9.71
C LYS A 205 23.45 13.42 -10.52
N GLY A 206 22.80 12.32 -10.13
CA GLY A 206 23.06 11.00 -10.72
C GLY A 206 23.52 9.97 -9.70
N LYS A 207 24.19 10.45 -8.64
CA LYS A 207 24.69 9.61 -7.56
C LYS A 207 23.55 8.86 -6.89
N LEU A 208 22.55 9.63 -6.45
CA LEU A 208 21.34 9.12 -5.82
C LEU A 208 20.54 8.27 -6.80
N ARG A 209 20.42 8.75 -8.03
CA ARG A 209 19.68 8.08 -9.10
C ARG A 209 20.23 6.69 -9.45
N SER A 210 21.55 6.57 -9.48
CA SER A 210 22.22 5.32 -9.84
C SER A 210 22.38 4.33 -8.68
N LEU A 211 22.32 4.86 -7.45
CA LEU A 211 22.37 4.03 -6.25
C LEU A 211 21.03 3.31 -6.03
N CYS A 212 19.95 3.93 -6.50
CA CYS A 212 18.63 3.31 -6.46
C CYS A 212 18.31 2.47 -7.70
N SER A 213 19.01 2.75 -8.80
CA SER A 213 18.88 2.00 -10.06
C SER A 213 19.23 0.52 -9.90
N GLN A 214 20.48 0.25 -9.52
CA GLN A 214 20.97 -1.13 -9.31
C GLN A 214 20.33 -1.79 -8.07
N HIS A 215 19.88 -0.96 -7.13
CA HIS A 215 19.10 -1.37 -5.96
C HIS A 215 17.85 -2.15 -6.38
N ALA B 1 -9.10 -24.28 -24.60
CA ALA B 1 -8.28 -25.04 -23.61
C ALA B 1 -8.72 -26.50 -23.50
N SER B 2 -7.77 -27.37 -23.22
CA SER B 2 -8.02 -28.77 -22.88
C SER B 2 -8.49 -28.91 -21.42
N LEU B 3 -9.00 -30.10 -21.09
CA LEU B 3 -9.50 -30.38 -19.74
C LEU B 3 -8.38 -30.26 -18.73
N THR B 4 -7.18 -30.63 -19.16
CA THR B 4 -5.99 -30.50 -18.35
C THR B 4 -5.67 -29.04 -18.04
N GLU B 5 -5.76 -28.17 -19.06
CA GLU B 5 -5.45 -26.74 -18.89
C GLU B 5 -6.50 -26.07 -17.99
N ILE B 6 -7.75 -26.45 -18.23
CA ILE B 6 -8.87 -25.92 -17.47
C ILE B 6 -8.78 -26.29 -15.98
N GLU B 7 -8.52 -27.56 -15.71
CA GLU B 7 -8.36 -28.06 -14.34
C GLU B 7 -7.14 -27.46 -13.65
N HIS B 8 -6.06 -27.28 -14.40
CA HIS B 8 -4.89 -26.57 -13.90
C HIS B 8 -5.27 -25.13 -13.51
N LEU B 9 -6.06 -24.47 -14.33
CA LEU B 9 -6.50 -23.11 -14.04
C LEU B 9 -7.38 -23.05 -12.77
N VAL B 10 -8.33 -23.97 -12.63
CA VAL B 10 -9.19 -24.06 -11.45
C VAL B 10 -8.36 -24.20 -10.17
N GLN B 11 -7.49 -25.21 -10.16
CA GLN B 11 -6.64 -25.48 -9.02
C GLN B 11 -5.75 -24.29 -8.69
N SER B 12 -5.23 -23.62 -9.72
CA SER B 12 -4.38 -22.46 -9.52
C SER B 12 -5.12 -21.29 -8.87
N VAL B 13 -6.30 -20.98 -9.38
CA VAL B 13 -7.09 -19.87 -8.86
C VAL B 13 -7.39 -20.14 -7.39
N CYS B 14 -7.79 -21.37 -7.10
CA CYS B 14 -8.16 -21.78 -5.75
C CYS B 14 -6.98 -21.71 -4.79
N LYS B 15 -5.80 -22.08 -5.27
CA LYS B 15 -4.59 -21.99 -4.49
C LYS B 15 -4.25 -20.52 -4.23
N SER B 16 -4.27 -19.70 -5.27
CA SER B 16 -4.01 -18.25 -5.13
C SER B 16 -4.95 -17.57 -4.12
N TYR B 17 -6.21 -17.96 -4.14
CA TYR B 17 -7.15 -17.44 -3.17
C TYR B 17 -6.78 -17.90 -1.76
N ARG B 18 -6.42 -19.18 -1.64
CA ARG B 18 -6.09 -19.75 -0.34
C ARG B 18 -4.90 -19.05 0.29
N GLU B 19 -3.91 -18.72 -0.53
CA GLU B 19 -2.71 -18.02 -0.06
C GLU B 19 -2.93 -16.53 0.22
N THR B 20 -4.13 -16.00 -0.02
CA THR B 20 -4.37 -14.56 0.12
C THR B 20 -5.71 -14.21 0.77
N CYS B 21 -6.35 -15.18 1.40
CA CYS B 21 -7.72 -14.97 1.91
C CYS B 21 -7.76 -14.30 3.28
N GLN B 22 -6.58 -13.93 3.79
CA GLN B 22 -6.46 -13.04 4.97
C GLN B 22 -6.64 -13.76 6.30
N LEU B 23 -7.82 -14.32 6.52
CA LEU B 23 -8.04 -15.22 7.64
C LEU B 23 -8.58 -16.56 7.18
N ARG B 24 -8.09 -17.63 7.79
CA ARG B 24 -8.57 -18.97 7.47
C ARG B 24 -10.03 -19.10 7.84
N LEU B 25 -10.80 -19.79 6.99
CA LEU B 25 -12.21 -20.03 7.22
C LEU B 25 -12.45 -20.67 8.59
N GLU B 26 -11.54 -21.57 8.97
CA GLU B 26 -11.61 -22.30 10.23
C GLU B 26 -11.57 -21.37 11.45
N ASP B 27 -10.59 -20.47 11.46
CA ASP B 27 -10.48 -19.41 12.47
C ASP B 27 -11.77 -18.59 12.57
N LEU B 28 -12.31 -18.16 11.42
CA LEU B 28 -13.52 -17.32 11.40
C LEU B 28 -14.76 -18.03 11.95
N LEU B 29 -15.00 -19.27 11.50
CA LEU B 29 -16.15 -20.06 11.94
C LEU B 29 -16.09 -20.40 13.43
N ARG B 30 -14.88 -20.57 13.96
CA ARG B 30 -14.67 -20.88 15.37
C ARG B 30 -15.09 -19.72 16.26
N GLN B 31 -14.75 -18.51 15.82
CA GLN B 31 -14.95 -17.29 16.60
C GLN B 31 -16.39 -16.80 16.57
N ARG B 32 -17.25 -17.48 15.82
CA ARG B 32 -18.67 -17.09 15.72
C ARG B 32 -19.37 -16.90 17.05
N SER B 33 -18.96 -17.70 18.04
CA SER B 33 -19.58 -17.68 19.36
C SER B 33 -18.99 -16.56 20.21
N ASN B 34 -17.93 -15.93 19.70
CA ASN B 34 -17.30 -14.79 20.36
C ASN B 34 -17.89 -13.44 19.86
N ILE B 35 -18.80 -12.88 20.65
CA ILE B 35 -19.64 -11.76 20.24
C ILE B 35 -19.41 -10.59 21.18
N PHE B 36 -19.19 -9.40 20.61
CA PHE B 36 -19.00 -8.19 21.43
C PHE B 36 -20.13 -8.06 22.47
N SER B 37 -19.77 -7.69 23.70
CA SER B 37 -20.75 -7.44 24.74
C SER B 37 -21.49 -6.12 24.48
N ARG B 38 -22.57 -5.91 25.23
CA ARG B 38 -23.37 -4.69 25.11
C ARG B 38 -22.51 -3.46 25.41
N GLU B 39 -21.64 -3.59 26.41
CA GLU B 39 -20.70 -2.54 26.77
C GLU B 39 -19.69 -2.30 25.67
N GLU B 40 -19.24 -3.37 25.03
CA GLU B 40 -18.23 -3.24 23.98
C GLU B 40 -18.81 -2.54 22.76
N VAL B 41 -20.06 -2.85 22.43
CA VAL B 41 -20.78 -2.21 21.34
C VAL B 41 -20.91 -0.69 21.62
N THR B 42 -21.41 -0.36 22.80
CA THR B 42 -21.49 1.03 23.26
C THR B 42 -20.14 1.75 23.17
N GLY B 43 -19.06 1.05 23.48
CA GLY B 43 -17.70 1.62 23.35
C GLY B 43 -17.29 1.96 21.90
N TYR B 44 -17.70 1.13 20.95
CA TYR B 44 -17.52 1.47 19.54
C TYR B 44 -18.43 2.63 19.08
N GLN B 45 -19.66 2.65 19.59
CA GLN B 45 -20.64 3.68 19.27
C GLN B 45 -20.31 5.09 19.77
N ARG B 46 -19.50 5.18 20.83
CA ARG B 46 -19.10 6.48 21.38
C ARG B 46 -17.88 7.11 20.67
N LYS B 47 -17.07 6.30 20.02
CA LYS B 47 -15.95 6.82 19.25
C LYS B 47 -16.46 7.85 18.24
N SER B 48 -15.65 8.85 17.92
CA SER B 48 -16.03 9.79 16.89
C SER B 48 -16.08 9.09 15.54
N MET B 49 -16.84 9.64 14.60
CA MET B 49 -16.80 9.16 13.23
C MET B 49 -15.37 9.14 12.67
N TRP B 50 -14.52 10.04 13.14
CA TRP B 50 -13.11 10.16 12.70
C TRP B 50 -12.27 8.97 13.13
N GLU B 51 -12.42 8.58 14.38
CA GLU B 51 -11.81 7.39 14.92
C GLU B 51 -12.34 6.13 14.20
N MET B 52 -13.67 5.98 14.08
CA MET B 52 -14.18 4.81 13.34
C MET B 52 -13.72 4.78 11.88
N TRP B 53 -13.72 5.96 11.24
CA TRP B 53 -13.24 6.11 9.88
C TRP B 53 -11.82 5.59 9.72
N GLU B 54 -10.93 5.98 10.63
CA GLU B 54 -9.54 5.53 10.58
C GLU B 54 -9.42 4.03 10.79
N ARG B 55 -10.13 3.50 11.80
CA ARG B 55 -10.20 2.06 12.01
C ARG B 55 -10.65 1.35 10.73
N CYS B 56 -11.78 1.79 10.18
CA CYS B 56 -12.43 1.09 9.08
C CYS B 56 -11.59 1.24 7.81
N ALA B 57 -10.99 2.41 7.63
CA ALA B 57 -10.15 2.69 6.47
C ALA B 57 -8.93 1.79 6.46
N HIS B 58 -8.34 1.59 7.64
CA HIS B 58 -7.23 0.68 7.82
C HIS B 58 -7.58 -0.77 7.43
N HIS B 59 -8.67 -1.30 7.96
CA HIS B 59 -9.11 -2.68 7.64
C HIS B 59 -9.44 -2.83 6.16
N LEU B 60 -10.08 -1.81 5.60
CA LEU B 60 -10.42 -1.79 4.19
C LEU B 60 -9.16 -1.82 3.34
N THR B 61 -8.20 -0.94 3.68
CA THR B 61 -6.95 -0.81 2.93
C THR B 61 -6.19 -2.13 2.93
N GLU B 62 -6.10 -2.76 4.11
CA GLU B 62 -5.51 -4.06 4.29
C GLU B 62 -6.22 -5.14 3.44
N ALA B 63 -7.56 -5.15 3.46
CA ALA B 63 -8.34 -6.13 2.66
C ALA B 63 -8.03 -5.97 1.18
N ILE B 64 -7.99 -4.72 0.73
CA ILE B 64 -7.62 -4.39 -0.65
C ILE B 64 -6.23 -4.92 -1.02
N GLN B 65 -5.25 -4.75 -0.12
CA GLN B 65 -3.90 -5.29 -0.34
C GLN B 65 -3.91 -6.81 -0.64
N TYR B 66 -4.69 -7.57 0.12
CA TYR B 66 -4.84 -9.02 -0.16
C TYR B 66 -5.49 -9.34 -1.51
N VAL B 67 -6.42 -8.51 -1.96
CA VAL B 67 -7.03 -8.66 -3.30
C VAL B 67 -6.02 -8.41 -4.43
N VAL B 68 -5.20 -7.38 -4.27
CA VAL B 68 -4.16 -7.10 -5.24
C VAL B 68 -3.21 -8.29 -5.30
N GLU B 69 -2.81 -8.80 -4.14
CA GLU B 69 -1.95 -9.98 -4.08
C GLU B 69 -2.61 -11.17 -4.80
N PHE B 70 -3.90 -11.36 -4.58
CA PHE B 70 -4.65 -12.41 -5.26
C PHE B 70 -4.58 -12.24 -6.80
N ALA B 71 -4.81 -11.01 -7.28
CA ALA B 71 -4.77 -10.70 -8.70
C ALA B 71 -3.41 -11.01 -9.31
N LYS B 72 -2.35 -10.56 -8.64
CA LYS B 72 -0.98 -10.76 -9.12
C LYS B 72 -0.60 -12.24 -9.27
N ARG B 73 -1.25 -13.11 -8.50
CA ARG B 73 -1.05 -14.55 -8.61
C ARG B 73 -1.95 -15.22 -9.64
N LEU B 74 -2.88 -14.49 -10.26
CA LEU B 74 -3.73 -15.09 -11.30
C LEU B 74 -2.98 -15.18 -12.62
N SER B 75 -3.12 -16.32 -13.31
CA SER B 75 -2.41 -16.57 -14.57
C SER B 75 -2.80 -15.54 -15.60
N GLY B 76 -1.81 -14.88 -16.18
CA GLY B 76 -2.09 -13.88 -17.19
C GLY B 76 -2.15 -12.46 -16.66
N PHE B 77 -2.47 -12.31 -15.37
CA PHE B 77 -2.63 -10.97 -14.82
C PHE B 77 -1.35 -10.16 -14.90
N MET B 78 -0.24 -10.75 -14.46
CA MET B 78 1.07 -10.08 -14.49
C MET B 78 1.60 -9.85 -15.90
N GLU B 79 1.02 -10.53 -16.89
CA GLU B 79 1.46 -10.40 -18.27
C GLU B 79 0.68 -9.32 -19.01
N LEU B 80 -0.37 -8.81 -18.37
CA LEU B 80 -1.09 -7.66 -18.89
C LEU B 80 -0.24 -6.41 -18.67
N CYS B 81 -0.43 -5.39 -19.51
CA CYS B 81 0.31 -4.14 -19.36
C CYS B 81 -0.06 -3.45 -18.06
N GLN B 82 0.81 -2.55 -17.64
CA GLN B 82 0.69 -1.88 -16.35
C GLN B 82 -0.65 -1.13 -16.23
N ASN B 83 -1.05 -0.46 -17.30
CA ASN B 83 -2.33 0.24 -17.38
C ASN B 83 -3.53 -0.67 -17.10
N ASP B 84 -3.54 -1.84 -17.73
CA ASP B 84 -4.67 -2.73 -17.64
C ASP B 84 -4.76 -3.38 -16.26
N GLN B 85 -3.61 -3.65 -15.66
CA GLN B 85 -3.58 -4.16 -14.28
C GLN B 85 -4.28 -3.19 -13.34
N ILE B 86 -3.93 -1.92 -13.46
CA ILE B 86 -4.50 -0.85 -12.64
C ILE B 86 -5.98 -0.64 -12.96
N VAL B 87 -6.34 -0.59 -14.25
CA VAL B 87 -7.75 -0.46 -14.61
C VAL B 87 -8.58 -1.57 -13.93
N LEU B 88 -8.14 -2.82 -14.08
CA LEU B 88 -8.88 -3.94 -13.50
C LEU B 88 -9.03 -3.82 -11.98
N LEU B 89 -7.93 -3.52 -11.28
CA LEU B 89 -7.94 -3.40 -9.81
C LEU B 89 -8.73 -2.22 -9.27
N LYS B 90 -8.68 -1.11 -9.99
CA LYS B 90 -9.38 0.11 -9.61
C LYS B 90 -10.89 -0.16 -9.63
N ALA B 91 -11.39 -0.76 -10.70
CA ALA B 91 -12.82 -1.02 -10.86
C ALA B 91 -13.32 -2.24 -10.07
N GLY B 92 -12.44 -3.18 -9.78
CA GLY B 92 -12.87 -4.44 -9.21
C GLY B 92 -12.44 -4.80 -7.80
N ALA B 93 -11.41 -4.17 -7.25
CA ALA B 93 -10.87 -4.58 -5.94
C ALA B 93 -11.88 -4.44 -4.80
N MET B 94 -12.64 -3.35 -4.81
CA MET B 94 -13.68 -3.10 -3.79
C MET B 94 -14.84 -4.11 -3.82
N GLU B 95 -15.32 -4.40 -5.03
CA GLU B 95 -16.23 -5.52 -5.24
C GLU B 95 -15.70 -6.88 -4.70
N VAL B 96 -14.43 -7.20 -4.90
CA VAL B 96 -13.91 -8.48 -4.35
C VAL B 96 -13.94 -8.47 -2.81
N VAL B 97 -13.57 -7.34 -2.22
CA VAL B 97 -13.60 -7.19 -0.77
C VAL B 97 -14.99 -7.48 -0.25
N LEU B 98 -15.99 -6.90 -0.89
CA LEU B 98 -17.39 -7.09 -0.48
C LEU B 98 -17.81 -8.55 -0.61
N VAL B 99 -17.39 -9.22 -1.67
CA VAL B 99 -17.71 -10.66 -1.81
C VAL B 99 -16.99 -11.47 -0.73
N ARG B 100 -15.69 -11.21 -0.52
CA ARG B 100 -14.91 -11.91 0.53
C ARG B 100 -15.49 -11.76 1.92
N MET B 101 -16.08 -10.59 2.20
CA MET B 101 -16.74 -10.34 3.48
C MET B 101 -17.72 -11.47 3.91
N CYS B 102 -18.36 -12.13 2.96
CA CYS B 102 -19.41 -13.10 3.31
C CYS B 102 -18.91 -14.28 4.18
N ARG B 103 -17.64 -14.64 4.05
CA ARG B 103 -17.10 -15.72 4.91
C ARG B 103 -17.01 -15.32 6.36
N ALA B 104 -16.91 -14.01 6.60
CA ALA B 104 -16.73 -13.49 7.95
C ALA B 104 -18.06 -13.04 8.53
N TYR B 105 -19.14 -13.44 7.87
CA TYR B 105 -20.46 -12.99 8.21
C TYR B 105 -21.31 -14.18 8.66
N ASN B 106 -21.91 -14.06 9.85
CA ASN B 106 -22.83 -15.05 10.42
C ASN B 106 -24.28 -14.63 10.23
N ALA B 107 -24.99 -15.35 9.38
CA ALA B 107 -26.42 -15.08 9.13
C ALA B 107 -27.35 -15.39 10.32
N ASP B 108 -26.92 -16.22 11.25
CA ASP B 108 -27.80 -16.63 12.36
C ASP B 108 -28.19 -15.47 13.27
N ASN B 109 -27.28 -14.50 13.39
CA ASN B 109 -27.47 -13.34 14.25
C ASN B 109 -27.05 -12.05 13.55
N ARG B 110 -26.85 -12.15 12.24
CA ARG B 110 -26.50 -11.02 11.38
C ARG B 110 -25.33 -10.18 11.95
N THR B 111 -24.21 -10.85 12.22
CA THR B 111 -23.02 -10.20 12.75
C THR B 111 -21.85 -10.44 11.77
N VAL B 112 -20.84 -9.57 11.86
CA VAL B 112 -19.63 -9.70 11.07
C VAL B 112 -18.42 -9.70 11.99
N PHE B 113 -17.40 -10.46 11.60
CA PHE B 113 -16.13 -10.40 12.31
C PHE B 113 -15.49 -9.01 12.15
N PHE B 114 -15.19 -8.37 13.29
CA PHE B 114 -14.57 -7.06 13.28
C PHE B 114 -13.67 -6.89 14.51
N GLU B 115 -12.38 -6.69 14.28
CA GLU B 115 -11.37 -6.47 15.32
C GLU B 115 -11.43 -7.49 16.46
N GLY B 116 -11.61 -8.75 16.12
CA GLY B 116 -11.44 -9.82 17.08
C GLY B 116 -12.71 -10.52 17.47
N LYS B 117 -13.86 -9.87 17.27
CA LYS B 117 -15.14 -10.45 17.67
C LYS B 117 -16.19 -10.20 16.63
N TYR B 118 -17.34 -10.85 16.78
CA TYR B 118 -18.48 -10.65 15.88
C TYR B 118 -19.41 -9.57 16.43
N GLY B 119 -19.84 -8.65 15.57
CA GLY B 119 -20.75 -7.59 15.99
C GLY B 119 -21.77 -7.26 14.92
N GLY B 120 -22.89 -6.69 15.34
CA GLY B 120 -23.97 -6.33 14.45
C GLY B 120 -23.68 -5.00 13.79
N MET B 121 -24.53 -4.59 12.86
CA MET B 121 -24.32 -3.35 12.12
C MET B 121 -24.38 -2.08 13.00
N GLU B 122 -25.00 -2.21 14.18
CA GLU B 122 -25.04 -1.12 15.16
C GLU B 122 -23.65 -0.71 15.66
N LEU B 123 -22.67 -1.60 15.56
CA LEU B 123 -21.27 -1.32 15.90
C LEU B 123 -20.71 -0.11 15.13
N PHE B 124 -21.19 0.08 13.91
CA PHE B 124 -20.69 1.13 12.98
C PHE B 124 -21.47 2.43 13.04
N ARG B 125 -22.32 2.56 14.06
CA ARG B 125 -23.24 3.70 14.15
C ARG B 125 -22.57 5.09 14.05
N ALA B 126 -21.41 5.25 14.67
CA ALA B 126 -20.75 6.56 14.69
C ALA B 126 -20.41 7.07 13.29
N LEU B 127 -20.26 6.18 12.32
CA LEU B 127 -20.01 6.58 10.93
C LEU B 127 -21.15 7.32 10.29
N GLY B 128 -22.35 7.25 10.87
CA GLY B 128 -23.52 7.91 10.31
C GLY B 128 -23.83 7.47 8.87
N CYS B 129 -23.68 6.18 8.59
CA CYS B 129 -23.99 5.68 7.23
C CYS B 129 -24.74 4.37 7.31
N SER B 130 -25.87 4.46 8.00
CA SER B 130 -26.75 3.36 8.31
C SER B 130 -27.25 2.58 7.10
N GLU B 131 -27.67 3.31 6.07
CA GLU B 131 -28.10 2.71 4.81
C GLU B 131 -26.96 1.98 4.12
N LEU B 132 -25.76 2.57 4.12
CA LEU B 132 -24.60 1.91 3.52
C LEU B 132 -24.26 0.61 4.25
N ILE B 133 -24.15 0.69 5.57
CA ILE B 133 -23.77 -0.48 6.36
C ILE B 133 -24.80 -1.60 6.19
N SER B 134 -26.08 -1.21 6.20
CA SER B 134 -27.18 -2.15 6.01
C SER B 134 -27.13 -2.86 4.66
N SER B 135 -26.86 -2.10 3.59
CA SER B 135 -26.70 -2.68 2.26
C SER B 135 -25.60 -3.73 2.28
N ILE B 136 -24.46 -3.39 2.89
CA ILE B 136 -23.32 -4.29 2.96
C ILE B 136 -23.67 -5.55 3.75
N PHE B 137 -24.43 -5.39 4.84
CA PHE B 137 -24.85 -6.55 5.62
C PHE B 137 -25.83 -7.43 4.83
N ASP B 138 -26.67 -6.81 4.01
CA ASP B 138 -27.68 -7.53 3.22
C ASP B 138 -27.09 -8.27 2.05
N PHE B 139 -26.12 -7.63 1.40
CA PHE B 139 -25.35 -8.31 0.36
C PHE B 139 -24.70 -9.57 0.93
N SER B 140 -24.00 -9.42 2.06
CA SER B 140 -23.41 -10.57 2.77
C SER B 140 -24.43 -11.62 3.23
N HIS B 141 -25.61 -11.16 3.67
CA HIS B 141 -26.66 -12.11 4.10
C HIS B 141 -27.17 -12.98 2.93
N SER B 142 -27.23 -12.40 1.73
CA SER B 142 -27.70 -13.10 0.54
C SER B 142 -26.70 -14.15 0.04
N LEU B 143 -25.40 -13.84 0.14
CA LEU B 143 -24.36 -14.79 -0.25
C LEU B 143 -24.20 -15.92 0.75
N SER B 144 -24.38 -15.62 2.03
CA SER B 144 -24.26 -16.60 3.08
C SER B 144 -25.37 -17.66 2.97
N ALA B 145 -26.55 -17.24 2.51
CA ALA B 145 -27.67 -18.14 2.27
C ALA B 145 -27.38 -19.16 1.17
N LEU B 146 -26.50 -18.80 0.24
CA LEU B 146 -26.00 -19.72 -0.80
C LEU B 146 -24.97 -20.73 -0.31
N HIS B 147 -24.42 -20.51 0.89
CA HIS B 147 -23.33 -21.32 1.41
C HIS B 147 -22.10 -21.35 0.49
N PHE B 148 -21.79 -20.19 -0.09
CA PHE B 148 -20.64 -20.01 -0.94
C PHE B 148 -19.41 -20.73 -0.35
N SER B 149 -18.82 -21.64 -1.12
CA SER B 149 -17.63 -22.33 -0.65
C SER B 149 -16.38 -21.50 -0.91
N GLU B 150 -15.27 -21.88 -0.29
CA GLU B 150 -14.01 -21.20 -0.53
C GLU B 150 -13.63 -21.19 -2.02
N ASP B 151 -13.83 -22.30 -2.74
CA ASP B 151 -13.43 -22.35 -4.15
C ASP B 151 -14.38 -21.54 -5.06
N GLU B 152 -15.67 -21.56 -4.75
CA GLU B 152 -16.65 -20.70 -5.44
C GLU B 152 -16.28 -19.23 -5.34
N ILE B 153 -15.87 -18.79 -4.16
CA ILE B 153 -15.41 -17.42 -3.95
C ILE B 153 -14.15 -17.12 -4.75
N ALA B 154 -13.18 -18.04 -4.69
CA ALA B 154 -11.95 -17.90 -5.45
C ALA B 154 -12.30 -17.67 -6.94
N LEU B 155 -13.10 -18.56 -7.50
CA LEU B 155 -13.36 -18.51 -8.94
C LEU B 155 -14.27 -17.30 -9.32
N TYR B 156 -15.29 -17.04 -8.50
CA TYR B 156 -16.20 -15.92 -8.75
C TYR B 156 -15.49 -14.57 -8.66
N THR B 157 -14.72 -14.38 -7.60
CA THR B 157 -13.91 -13.14 -7.47
C THR B 157 -12.84 -12.95 -8.54
N ALA B 158 -12.26 -14.04 -9.04
CA ALA B 158 -11.39 -13.94 -10.21
C ALA B 158 -12.12 -13.28 -11.40
N LEU B 159 -13.36 -13.74 -11.63
CA LEU B 159 -14.22 -13.14 -12.67
C LEU B 159 -14.69 -11.69 -12.37
N VAL B 160 -14.81 -11.36 -11.09
CA VAL B 160 -15.10 -9.98 -10.73
C VAL B 160 -13.97 -9.08 -11.24
N LEU B 161 -12.73 -9.54 -11.03
CA LEU B 161 -11.57 -8.79 -11.45
C LEU B 161 -11.34 -8.79 -12.98
N ILE B 162 -11.37 -9.97 -13.58
CA ILE B 162 -11.00 -10.16 -14.98
C ILE B 162 -12.24 -9.98 -15.86
N ASN B 163 -12.54 -8.73 -16.16
CA ASN B 163 -13.73 -8.33 -16.88
C ASN B 163 -13.29 -7.43 -18.00
N ALA B 164 -13.48 -7.90 -19.24
CA ALA B 164 -13.02 -7.18 -20.42
C ALA B 164 -13.81 -5.89 -20.71
N HIS B 165 -14.89 -5.64 -19.97
CA HIS B 165 -15.74 -4.48 -20.28
C HIS B 165 -15.38 -3.22 -19.48
N ARG B 166 -14.45 -3.34 -18.54
CA ARG B 166 -13.96 -2.18 -17.79
C ARG B 166 -13.42 -1.10 -18.77
N PRO B 167 -14.00 0.11 -18.76
CA PRO B 167 -13.51 1.20 -19.63
C PRO B 167 -12.03 1.53 -19.39
N GLY B 168 -11.32 1.92 -20.44
CA GLY B 168 -9.93 2.36 -20.30
C GLY B 168 -8.92 1.27 -20.58
N LEU B 169 -9.40 0.04 -20.83
CA LEU B 169 -8.52 -1.07 -21.16
C LEU B 169 -7.88 -0.86 -22.53
N GLN B 170 -6.58 -1.11 -22.60
CA GLN B 170 -5.82 -0.89 -23.82
C GLN B 170 -5.66 -2.18 -24.63
N GLU B 171 -5.65 -3.32 -23.93
CA GLU B 171 -5.54 -4.62 -24.57
C GLU B 171 -6.76 -5.47 -24.27
N LYS B 172 -7.91 -5.01 -24.76
CA LYS B 172 -9.21 -5.66 -24.52
C LYS B 172 -9.21 -7.16 -24.81
N ARG B 173 -8.52 -7.55 -25.88
CA ARG B 173 -8.52 -8.93 -26.35
C ARG B 173 -7.83 -9.91 -25.41
N LYS B 174 -6.70 -9.50 -24.84
CA LYS B 174 -5.98 -10.33 -23.88
C LYS B 174 -6.85 -10.57 -22.65
N VAL B 175 -7.54 -9.52 -22.20
CA VAL B 175 -8.41 -9.64 -21.04
C VAL B 175 -9.61 -10.54 -21.37
N GLU B 176 -10.18 -10.35 -22.56
CA GLU B 176 -11.26 -11.22 -23.04
C GLU B 176 -10.87 -12.70 -22.99
N GLN B 177 -9.65 -13.01 -23.38
CA GLN B 177 -9.20 -14.40 -23.40
C GLN B 177 -9.06 -14.91 -21.98
N LEU B 178 -8.44 -14.12 -21.09
CA LEU B 178 -8.31 -14.55 -19.69
C LEU B 178 -9.68 -14.72 -19.03
N GLN B 179 -10.62 -13.82 -19.34
CA GLN B 179 -11.99 -13.87 -18.80
C GLN B 179 -12.71 -15.16 -19.23
N TYR B 180 -12.67 -15.47 -20.53
CA TYR B 180 -13.35 -16.67 -21.06
C TYR B 180 -12.77 -17.95 -20.48
N ASN B 181 -11.44 -18.03 -20.39
CA ASN B 181 -10.77 -19.13 -19.69
C ASN B 181 -11.18 -19.29 -18.22
N LEU B 182 -11.27 -18.17 -17.50
CA LEU B 182 -11.79 -18.19 -16.12
C LEU B 182 -13.26 -18.59 -16.04
N GLU B 183 -14.05 -18.21 -17.04
CA GLU B 183 -15.47 -18.60 -17.10
C GLU B 183 -15.64 -20.11 -17.28
N LEU B 184 -14.89 -20.67 -18.22
CA LEU B 184 -14.79 -22.10 -18.43
C LEU B 184 -14.37 -22.84 -17.14
N ALA B 185 -13.33 -22.34 -16.46
CA ALA B 185 -12.91 -22.92 -15.18
C ALA B 185 -14.02 -22.91 -14.10
N PHE B 186 -14.69 -21.76 -13.94
CA PHE B 186 -15.81 -21.61 -13.00
C PHE B 186 -16.92 -22.61 -13.36
N HIS B 187 -17.31 -22.65 -14.63
CA HIS B 187 -18.40 -23.53 -15.07
C HIS B 187 -18.07 -25.01 -14.97
N HIS B 188 -16.87 -25.38 -15.40
CA HIS B 188 -16.39 -26.75 -15.26
C HIS B 188 -16.39 -27.15 -13.80
N HIS B 189 -15.86 -26.30 -12.92
CA HIS B 189 -15.83 -26.63 -11.49
C HIS B 189 -17.22 -26.72 -10.83
N LEU B 190 -18.14 -25.82 -11.22
CA LEU B 190 -19.54 -25.94 -10.76
C LEU B 190 -20.16 -27.26 -11.16
N CYS B 191 -19.91 -27.69 -12.40
CA CYS B 191 -20.38 -29.00 -12.90
C CYS B 191 -19.82 -30.16 -12.06
N LYS B 192 -18.51 -30.14 -11.84
CA LYS B 192 -17.80 -31.19 -11.08
C LYS B 192 -18.24 -31.26 -9.64
N THR B 193 -18.74 -30.16 -9.09
CA THR B 193 -19.18 -30.14 -7.71
C THR B 193 -20.71 -30.16 -7.53
N HIS B 194 -21.43 -30.36 -8.64
CA HIS B 194 -22.90 -30.33 -8.65
C HIS B 194 -23.47 -29.05 -8.06
N ARG B 195 -22.85 -27.92 -8.41
CA ARG B 195 -23.22 -26.64 -7.87
C ARG B 195 -23.67 -25.65 -8.95
N GLN B 196 -24.05 -26.16 -10.12
CA GLN B 196 -24.61 -25.36 -11.22
C GLN B 196 -25.74 -24.44 -10.77
N SER B 197 -26.53 -24.91 -9.80
CA SER B 197 -27.65 -24.14 -9.24
C SER B 197 -27.33 -22.72 -8.74
N ILE B 198 -26.07 -22.46 -8.37
CA ILE B 198 -25.74 -21.15 -7.78
C ILE B 198 -25.64 -20.02 -8.81
N LEU B 199 -25.42 -20.36 -10.08
CA LEU B 199 -25.18 -19.31 -11.09
C LEU B 199 -26.33 -18.31 -11.17
N ALA B 200 -27.55 -18.81 -11.27
CA ALA B 200 -28.74 -17.96 -11.36
C ALA B 200 -29.00 -17.20 -10.06
N LYS B 201 -28.45 -17.67 -8.96
CA LYS B 201 -28.64 -17.04 -7.65
C LYS B 201 -27.53 -16.05 -7.26
N LEU B 202 -26.52 -15.88 -8.11
CA LEU B 202 -25.48 -14.88 -7.84
C LEU B 202 -26.07 -13.48 -7.96
N PRO B 203 -25.49 -12.49 -7.23
CA PRO B 203 -26.02 -11.14 -7.45
C PRO B 203 -25.74 -10.71 -8.88
N PRO B 204 -26.72 -10.07 -9.55
CA PRO B 204 -26.35 -9.61 -10.89
C PRO B 204 -25.13 -8.70 -10.79
N LYS B 205 -24.27 -8.75 -11.82
CA LYS B 205 -23.32 -7.64 -12.02
C LYS B 205 -24.19 -6.41 -12.30
N GLY B 206 -23.92 -5.35 -11.54
CA GLY B 206 -24.81 -4.20 -11.46
C GLY B 206 -25.13 -3.94 -10.01
N LYS B 207 -25.58 -4.99 -9.32
CA LYS B 207 -25.84 -4.96 -7.87
C LYS B 207 -24.52 -4.80 -7.10
N LEU B 208 -23.51 -5.55 -7.52
CA LEU B 208 -22.20 -5.49 -6.90
C LEU B 208 -21.47 -4.19 -7.22
N ARG B 209 -21.47 -3.82 -8.51
CA ARG B 209 -20.79 -2.60 -8.95
C ARG B 209 -21.45 -1.32 -8.41
N SER B 210 -22.78 -1.24 -8.46
CA SER B 210 -23.50 -0.04 -7.99
C SER B 210 -23.50 0.12 -6.46
N LEU B 211 -23.33 -0.99 -5.75
CA LEU B 211 -23.15 -0.96 -4.29
C LEU B 211 -21.76 -0.46 -3.95
N CYS B 212 -20.81 -0.67 -4.86
CA CYS B 212 -19.45 -0.18 -4.69
C CYS B 212 -19.25 1.25 -5.21
N SER B 213 -20.03 1.64 -6.22
CA SER B 213 -20.04 3.02 -6.73
C SER B 213 -20.54 4.01 -5.67
N GLN B 214 -21.48 3.55 -4.85
CA GLN B 214 -22.03 4.31 -3.73
C GLN B 214 -21.15 4.25 -2.49
N HIS B 215 -20.32 3.21 -2.40
CA HIS B 215 -19.28 3.11 -1.38
C HIS B 215 -18.25 4.23 -1.59
N VAL B 216 -17.55 4.16 -2.73
CA VAL B 216 -16.44 5.08 -3.05
C VAL B 216 -16.88 6.55 -3.19
N GLU B 217 -18.11 6.77 -3.66
CA GLU B 217 -18.68 8.12 -3.82
C GLU B 217 -18.46 9.02 -2.61
C1 DGX C . 17.36 -1.31 6.28
C2 DGX C . 16.06 -1.99 5.78
C3 DGX C . 16.00 -1.95 4.25
O3 DGX C . 17.07 -2.71 3.70
C4 DGX C . 16.07 -0.48 3.77
C5 DGX C . 17.34 0.26 4.28
C6 DGX C . 17.31 1.73 3.80
C7 DGX C . 16.22 2.55 4.52
C8 DGX C . 16.36 2.46 6.05
C9 DGX C . 16.36 0.97 6.51
C10 DGX C . 17.47 0.16 5.83
C11 DGX C . 16.41 0.84 8.06
C12 DGX C . 15.22 1.58 8.67
O12 DGX C . 15.17 1.36 10.09
C13 DGX C . 15.27 3.10 8.35
C14 DGX C . 15.30 3.31 6.79
O14 DGX C . 15.53 4.68 6.48
C15 DGX C . 13.84 3.03 6.37
C16 DGX C . 13.01 3.70 7.49
C17 DGX C . 13.89 3.67 8.77
C18 DGX C . 16.47 3.77 9.04
C19 DGX C . 18.86 0.63 6.26
C1X DGX C . 16.98 -3.03 2.31
C1Y DGX C . 17.02 -6.31 -1.90
C1Z DGX C . 19.97 -9.74 -4.73
C20 DGX C . 13.86 5.06 9.41
C21 DGX C . 13.73 5.38 10.88
O21 DGX C . 13.56 6.83 10.96
C22 DGX C . 13.86 6.22 8.77
C23 DGX C . 13.76 7.32 9.72
O23 DGX C . 13.83 8.50 9.42
C2X DGX C . 18.28 -3.69 1.86
C2Y DGX C . 17.25 -6.14 -3.41
C2Z DGX C . 19.58 -10.80 -5.77
C3X DGX C . 18.19 -4.21 0.41
O3X DGX C . 18.19 -3.13 -0.52
C3Y DGX C . 17.45 -7.53 -4.03
O3Y DGX C . 16.22 -8.26 -3.92
C3Z DGX C . 20.54 -10.80 -6.96
O3Z DGX C . 21.83 -11.25 -6.51
C4X DGX C . 16.91 -5.01 0.12
O4X DGX C . 16.79 -5.03 -1.30
C4Y DGX C . 18.62 -8.25 -3.33
O4Y DGX C . 18.84 -9.58 -3.86
C4Z DGX C . 20.64 -9.38 -7.56
O4Z DGX C . 21.49 -9.39 -8.72
C5X DGX C . 15.68 -4.28 0.69
O5X DGX C . 15.90 -3.95 2.05
C5Y DGX C . 18.37 -8.30 -1.81
O5Y DGX C . 18.18 -6.95 -1.34
C5Z DGX C . 21.19 -8.42 -6.49
O5Z DGX C . 20.35 -8.47 -5.31
C6X DGX C . 14.45 -5.18 0.57
C6Y DGX C . 19.55 -8.94 -1.08
C6Z DGX C . 21.19 -6.99 -7.05
C1 DGX D . -16.00 -2.94 8.20
C2 DGX D . -14.83 -1.94 7.93
C3 DGX D . -15.03 -1.23 6.58
O3 DGX D . -16.20 -0.41 6.65
C4 DGX D . -15.19 -2.25 5.41
C5 DGX D . -16.37 -3.21 5.70
C6 DGX D . -16.52 -4.22 4.51
C7 DGX D . -15.42 -5.30 4.53
C8 DGX D . -15.22 -5.99 5.90
C9 DGX D . -15.08 -4.98 7.05
C10 DGX D . -16.24 -3.95 7.07
C11 DGX D . -14.92 -5.72 8.39
C12 DGX D . -13.67 -6.62 8.36
O12 DGX D . -13.53 -7.22 9.64
C13 DGX D . -13.77 -7.70 7.24
C14 DGX D . -14.09 -7.03 5.88
O14 DGX D . -14.42 -8.03 4.89
C15 DGX D . -12.72 -6.46 5.44
C16 DGX D . -11.76 -7.63 5.75
C17 DGX D . -12.34 -8.29 7.03
C18 DGX D . -14.81 -8.78 7.59
C19 DGX D . -17.60 -4.64 7.34
C1X DGX D . -16.27 0.64 5.69
C1Y DGX D . -17.28 5.68 5.12
C1Z DGX D . -20.88 9.31 4.31
C20 DGX D . -12.22 -9.80 6.90
C21 DGX D . -11.63 -10.75 7.92
O21 DGX D . -11.67 -12.10 7.33
C22 DGX D . -12.58 -10.56 5.86
C23 DGX D . -12.25 -11.97 6.12
O23 DGX D . -12.44 -12.87 5.32
C2X DGX D . -17.55 1.41 6.01
C2Y DGX D . -16.68 6.98 5.66
C2Z DGX D . -22.36 9.25 4.73
C3X DGX D . -17.56 2.79 5.34
O3X DGX D . -17.72 2.65 3.93
C3Y DGX D . -17.81 7.98 5.91
O3Y DGX D . -18.44 7.64 7.15
C3Z DGX D . -23.23 10.03 3.73
O3Z DGX D . -23.35 9.31 2.49
C4X DGX D . -16.26 3.56 5.60
O4X DGX D . -16.26 4.74 4.79
C4Y DGX D . -18.84 8.06 4.74
O4Y DGX D . -20.07 8.63 5.26
C4Z DGX D . -22.64 11.44 3.46
O4Z DGX D . -23.33 11.99 2.32
C5X DGX D . -15.06 2.71 5.17
O5X DGX D . -15.09 1.44 5.84
C5Y DGX D . -19.16 6.68 4.12
O5Y DGX D . -17.95 5.96 3.91
C5Z DGX D . -21.11 11.45 3.22
O5Z DGX D . -20.43 10.67 4.21
C6X DGX D . -13.77 3.43 5.54
C6Y DGX D . -19.87 6.83 2.77
C6Z DGX D . -20.53 12.87 3.29
#